data_7UOS
#
_entry.id   7UOS
#
_cell.length_a   37.820
_cell.length_b   57.532
_cell.length_c   65.631
_cell.angle_alpha   90.00
_cell.angle_beta   90.58
_cell.angle_gamma   90.00
#
_symmetry.space_group_name_H-M   'P 1 21 1'
#
loop_
_entity.id
_entity.type
_entity.pdbx_description
1 polymer 'Serine/threonine-protein kinase WNK1'
2 non-polymer 4-[bromo(dichloro)methanesulfonyl]-N-cyclohexyl-2-nitroaniline
3 non-polymer 1,2-ETHANEDIOL
4 water water
#
_entity_poly.entity_id   1
_entity_poly.type   'polypeptide(L)'
_entity_poly.pdbx_seq_one_letter_code
;QEERSQQQDDIEELETKAVGMSNDGRFLKFDIEIGRGSFKTVYKGLDTETTVEVAWCELQDRKLTKSERQRFKEEAEMLK
GLQHPNIVRFYDSWESTVKGKKCIVLVTELMTSGTLKTYLKRFKVMKIKVLRSWCRQILKGLQFLHTRTPPIIHRDLKCD
NIFITGPTGSVKIGDLGLATLKRASFAKAVIGTPEFMAPEMYEEKYDESVDVYAFGMCMLEMATSEYPYSECQNAAQIYR
RVTSGVKPASFDKVAIPEVKEIIEGCIRQNKDERYSIKDLLNHAFFQEET
;
_entity_poly.pdbx_strand_id   A
#
loop_
_chem_comp.id
_chem_comp.type
_chem_comp.name
_chem_comp.formula
EDO non-polymer 1,2-ETHANEDIOL 'C2 H6 O2'
WIB non-polymer 4-[bromo(dichloro)methanesulfonyl]-N-cyclohexyl-2-nitroaniline 'C13 H15 Br Cl2 N2 O4 S'
#
# COMPACT_ATOMS: atom_id res chain seq x y z
N ALA A 18 15.85 -24.10 -0.79
CA ALA A 18 16.71 -22.94 -1.24
C ALA A 18 16.84 -22.95 -2.76
N VAL A 19 16.47 -21.85 -3.41
CA VAL A 19 16.18 -21.90 -4.83
C VAL A 19 16.74 -20.64 -5.48
N GLY A 20 17.58 -19.89 -4.75
CA GLY A 20 18.11 -18.67 -5.36
C GLY A 20 19.01 -17.87 -4.42
N MET A 21 19.75 -16.90 -4.99
CA MET A 21 20.63 -16.06 -4.20
C MET A 21 20.88 -14.75 -4.94
N SER A 22 21.19 -13.70 -4.17
CA SER A 22 21.62 -12.44 -4.76
C SER A 22 22.96 -12.64 -5.41
N ASN A 23 23.32 -11.75 -6.34
CA ASN A 23 24.63 -11.74 -6.99
C ASN A 23 25.78 -11.85 -5.96
N ASP A 24 25.62 -11.21 -4.80
CA ASP A 24 26.66 -11.14 -3.78
C ASP A 24 26.58 -12.28 -2.76
N GLY A 25 25.58 -13.16 -2.88
CA GLY A 25 25.37 -14.30 -1.98
C GLY A 25 24.75 -13.92 -0.63
N ARG A 26 24.44 -12.62 -0.47
CA ARG A 26 23.98 -12.07 0.80
C ARG A 26 22.60 -12.63 1.14
N PHE A 27 21.72 -12.66 0.14
CA PHE A 27 20.35 -13.10 0.34
C PHE A 27 20.16 -14.45 -0.36
N LEU A 28 19.49 -15.39 0.37
CA LEU A 28 18.99 -16.63 -0.21
C LEU A 28 17.48 -16.60 -0.26
N LYS A 29 16.94 -17.27 -1.28
CA LYS A 29 15.53 -17.47 -1.50
C LYS A 29 15.17 -18.91 -1.15
N PHE A 30 14.13 -19.10 -0.35
CA PHE A 30 13.63 -20.43 -0.07
C PHE A 30 12.42 -20.74 -0.93
N ASP A 31 12.22 -22.05 -1.09
CA ASP A 31 11.19 -22.73 -1.85
C ASP A 31 9.84 -22.58 -1.10
N ILE A 32 9.66 -21.45 -0.40
CA ILE A 32 8.50 -21.22 0.46
C ILE A 32 7.77 -19.95 -0.01
N GLU A 33 6.72 -20.14 -0.80
CA GLU A 33 5.92 -19.04 -1.32
C GLU A 33 4.97 -18.56 -0.23
N ILE A 34 4.92 -17.24 0.02
CA ILE A 34 4.20 -16.67 1.15
C ILE A 34 3.21 -15.59 0.69
N GLY A 35 3.20 -15.31 -0.61
CA GLY A 35 2.27 -14.36 -1.18
C GLY A 35 2.38 -14.40 -2.70
N ARG A 36 1.27 -14.02 -3.33
CA ARG A 36 1.07 -14.14 -4.76
C ARG A 36 -0.02 -13.12 -5.07
N GLY A 37 0.25 -12.21 -5.98
CA GLY A 37 -0.68 -11.11 -6.11
C GLY A 37 -0.40 -10.27 -7.33
N SER A 38 -0.79 -8.99 -7.23
CA SER A 38 -0.73 -8.06 -8.36
C SER A 38 0.67 -8.03 -8.97
N PHE A 39 0.97 -9.13 -9.69
CA PHE A 39 2.05 -9.26 -10.66
C PHE A 39 3.39 -9.50 -9.93
N LYS A 40 3.29 -10.20 -8.79
CA LYS A 40 4.43 -10.58 -7.96
C LYS A 40 4.17 -11.91 -7.24
N THR A 41 5.30 -12.56 -6.92
CA THR A 41 5.35 -13.72 -6.03
C THR A 41 6.36 -13.44 -4.93
N VAL A 42 5.95 -13.74 -3.70
CA VAL A 42 6.75 -13.46 -2.53
C VAL A 42 7.12 -14.77 -1.86
N TYR A 43 8.40 -14.86 -1.49
CA TYR A 43 8.99 -16.06 -0.92
C TYR A 43 9.65 -15.69 0.41
N LYS A 44 9.76 -16.67 1.29
CA LYS A 44 10.60 -16.52 2.48
C LYS A 44 12.06 -16.53 2.03
N GLY A 45 12.89 -15.72 2.66
CA GLY A 45 14.32 -15.72 2.37
C GLY A 45 15.13 -15.50 3.63
N LEU A 46 16.45 -15.36 3.45
CA LEU A 46 17.37 -15.14 4.55
C LEU A 46 18.45 -14.14 4.14
N ASP A 47 18.75 -13.24 5.09
CA ASP A 47 19.95 -12.43 5.08
C ASP A 47 21.08 -13.22 5.73
N THR A 48 22.01 -13.73 4.89
CA THR A 48 23.06 -14.64 5.32
C THR A 48 24.06 -13.89 6.18
N GLU A 49 24.12 -12.57 5.95
CA GLU A 49 25.02 -11.70 6.68
C GLU A 49 24.50 -11.52 8.11
N THR A 50 23.20 -11.31 8.26
CA THR A 50 22.63 -11.06 9.58
C THR A 50 22.06 -12.34 10.18
N THR A 51 21.70 -13.29 9.31
CA THR A 51 21.04 -14.53 9.69
C THR A 51 19.63 -14.21 10.22
N VAL A 52 19.00 -13.22 9.58
CA VAL A 52 17.63 -12.85 9.89
C VAL A 52 16.79 -13.00 8.62
N GLU A 53 15.58 -13.56 8.77
CA GLU A 53 14.66 -13.88 7.70
C GLU A 53 14.07 -12.61 7.09
N VAL A 54 13.87 -12.65 5.77
CA VAL A 54 13.39 -11.54 4.99
C VAL A 54 12.33 -12.04 4.03
N ALA A 55 11.58 -11.09 3.45
CA ALA A 55 10.72 -11.33 2.29
C ALA A 55 11.54 -11.09 1.04
N TRP A 56 11.46 -12.07 0.12
CA TRP A 56 12.08 -12.06 -1.18
C TRP A 56 10.96 -11.98 -2.20
N CYS A 57 10.79 -10.78 -2.75
CA CYS A 57 9.70 -10.56 -3.69
C CYS A 57 10.23 -10.49 -5.10
N GLU A 58 9.64 -11.31 -5.97
CA GLU A 58 9.95 -11.34 -7.39
C GLU A 58 8.82 -10.68 -8.20
N LEU A 59 9.16 -9.54 -8.81
CA LEU A 59 8.25 -8.87 -9.73
C LEU A 59 8.29 -9.57 -11.09
N GLN A 60 7.11 -10.11 -11.46
CA GLN A 60 6.98 -11.35 -12.22
C GLN A 60 7.20 -11.09 -13.71
N ASP A 61 7.83 -12.07 -14.35
CA ASP A 61 8.11 -12.09 -15.78
C ASP A 61 7.09 -11.30 -16.59
N ARG A 62 7.41 -10.01 -16.68
CA ARG A 62 6.64 -8.94 -17.25
C ARG A 62 7.66 -7.81 -17.39
N LYS A 63 7.45 -6.96 -18.39
CA LYS A 63 8.51 -6.04 -18.72
C LYS A 63 8.28 -4.69 -18.06
N LEU A 64 9.32 -4.25 -17.35
CA LEU A 64 9.46 -2.86 -16.98
C LEU A 64 10.04 -2.11 -18.18
N THR A 65 9.70 -0.82 -18.26
CA THR A 65 10.28 0.05 -19.28
C THR A 65 11.69 0.42 -18.83
N LYS A 66 12.53 0.83 -19.80
CA LYS A 66 13.86 1.28 -19.47
C LYS A 66 13.79 2.51 -18.57
N SER A 67 12.78 3.38 -18.79
CA SER A 67 12.61 4.58 -17.98
C SER A 67 12.26 4.25 -16.52
N GLU A 68 11.38 3.24 -16.33
CA GLU A 68 10.95 2.76 -15.02
C GLU A 68 12.16 2.19 -14.26
N ARG A 69 13.00 1.42 -14.98
CA ARG A 69 14.24 0.88 -14.43
C ARG A 69 15.20 1.97 -13.94
N GLN A 70 15.32 3.07 -14.69
CA GLN A 70 16.19 4.17 -14.27
C GLN A 70 15.68 4.75 -12.93
N ARG A 71 14.37 5.01 -12.87
CA ARG A 71 13.67 5.56 -11.71
C ARG A 71 13.80 4.61 -10.52
N PHE A 72 13.73 3.31 -10.81
CA PHE A 72 13.82 2.26 -9.83
C PHE A 72 15.20 2.09 -9.21
N LYS A 73 16.26 2.24 -10.02
CA LYS A 73 17.61 2.16 -9.45
C LYS A 73 17.79 3.26 -8.41
N GLU A 74 17.32 4.46 -8.77
CA GLU A 74 17.40 5.63 -7.90
C GLU A 74 16.55 5.42 -6.63
N GLU A 75 15.26 5.06 -6.79
CA GLU A 75 14.29 4.83 -5.71
C GLU A 75 14.83 3.81 -4.71
N ALA A 76 15.31 2.65 -5.21
CA ALA A 76 15.73 1.55 -4.35
C ALA A 76 16.81 2.02 -3.36
N GLU A 77 17.69 2.90 -3.84
CA GLU A 77 18.78 3.39 -3.01
C GLU A 77 18.27 4.31 -1.88
N MET A 78 17.25 5.13 -2.16
CA MET A 78 16.58 6.03 -1.22
C MET A 78 15.72 5.25 -0.23
N LEU A 79 15.11 4.17 -0.70
CA LEU A 79 14.30 3.36 0.21
C LEU A 79 15.15 2.62 1.23
N LYS A 80 16.40 2.24 0.84
CA LYS A 80 17.28 1.46 1.71
C LYS A 80 17.61 2.28 2.95
N GLY A 81 17.51 3.63 2.85
CA GLY A 81 17.85 4.53 3.92
C GLY A 81 16.72 4.75 4.93
N LEU A 82 15.46 4.46 4.54
CA LEU A 82 14.28 4.81 5.35
C LEU A 82 14.19 3.97 6.62
N GLN A 83 13.93 4.64 7.78
CA GLN A 83 13.47 3.97 8.99
C GLN A 83 12.38 4.80 9.66
N HIS A 84 11.33 4.11 10.05
CA HIS A 84 10.23 4.66 10.81
C HIS A 84 9.40 3.50 11.34
N PRO A 85 8.89 3.57 12.57
CA PRO A 85 8.13 2.46 13.15
C PRO A 85 7.00 1.92 12.29
N ASN A 86 6.43 2.78 11.44
CA ASN A 86 5.21 2.46 10.71
C ASN A 86 5.44 2.31 9.19
N ILE A 87 6.71 2.05 8.83
CA ILE A 87 7.09 1.74 7.45
C ILE A 87 7.86 0.41 7.46
N VAL A 88 7.49 -0.54 6.58
CA VAL A 88 8.19 -1.81 6.42
C VAL A 88 9.59 -1.51 5.87
N ARG A 89 10.64 -2.11 6.45
CA ARG A 89 12.03 -1.86 6.08
C ARG A 89 12.36 -2.45 4.71
N PHE A 90 13.11 -1.68 3.91
CA PHE A 90 13.59 -2.07 2.60
C PHE A 90 15.11 -2.31 2.65
N TYR A 91 15.57 -3.53 2.28
CA TYR A 91 16.96 -3.94 2.43
C TYR A 91 17.78 -3.70 1.16
N ASP A 92 17.31 -4.21 0.01
CA ASP A 92 18.06 -4.18 -1.24
C ASP A 92 17.21 -4.66 -2.42
N SER A 93 17.72 -4.47 -3.66
CA SER A 93 17.04 -4.76 -4.91
C SER A 93 18.03 -5.03 -6.05
N TRP A 94 17.63 -5.88 -7.03
CA TRP A 94 18.39 -6.19 -8.23
C TRP A 94 17.52 -6.96 -9.25
N GLU A 95 17.97 -7.02 -10.52
CA GLU A 95 17.35 -7.79 -11.60
C GLU A 95 17.93 -9.21 -11.56
N SER A 96 17.05 -10.19 -11.75
CA SER A 96 17.36 -11.60 -11.60
C SER A 96 16.67 -12.38 -12.70
N THR A 97 17.32 -13.48 -13.12
CA THR A 97 16.71 -14.38 -14.09
C THR A 97 16.90 -15.82 -13.62
N VAL A 98 15.97 -16.68 -14.00
CA VAL A 98 16.16 -18.11 -13.90
C VAL A 98 15.34 -18.76 -15.01
N LYS A 99 15.97 -19.66 -15.78
CA LYS A 99 15.38 -20.13 -17.03
C LYS A 99 14.96 -18.91 -17.88
N GLY A 100 13.72 -18.95 -18.36
CA GLY A 100 13.23 -17.94 -19.30
C GLY A 100 12.45 -16.82 -18.63
N LYS A 101 12.57 -16.70 -17.30
CA LYS A 101 11.79 -15.74 -16.53
C LYS A 101 12.71 -14.70 -15.87
N LYS A 102 12.47 -13.43 -16.23
CA LYS A 102 13.14 -12.28 -15.63
C LYS A 102 12.22 -11.74 -14.55
N CYS A 103 12.83 -11.29 -13.44
CA CYS A 103 12.08 -10.53 -12.46
C CYS A 103 12.98 -9.43 -11.90
N ILE A 104 12.38 -8.50 -11.16
CA ILE A 104 13.14 -7.66 -10.23
C ILE A 104 12.89 -8.22 -8.83
N VAL A 105 13.97 -8.47 -8.07
CA VAL A 105 13.89 -8.89 -6.68
C VAL A 105 13.92 -7.66 -5.78
N LEU A 106 12.99 -7.58 -4.81
CA LEU A 106 13.16 -6.68 -3.68
C LEU A 106 13.21 -7.51 -2.41
N VAL A 107 14.12 -7.14 -1.52
CA VAL A 107 14.18 -7.79 -0.23
C VAL A 107 13.73 -6.79 0.82
N THR A 108 12.70 -7.21 1.57
CA THR A 108 12.06 -6.37 2.58
C THR A 108 11.88 -7.15 3.86
N GLU A 109 11.59 -6.40 4.93
CA GLU A 109 11.26 -6.91 6.24
C GLU A 109 10.09 -7.89 6.10
N LEU A 110 10.26 -9.09 6.64
CA LEU A 110 9.26 -10.13 6.53
C LEU A 110 8.08 -9.87 7.47
N MET A 111 6.85 -9.78 6.92
CA MET A 111 5.69 -9.47 7.76
C MET A 111 4.80 -10.71 7.86
N THR A 112 4.64 -11.26 9.07
CA THR A 112 4.22 -12.65 9.20
C THR A 112 2.78 -12.75 9.73
N SER A 113 2.14 -11.61 9.99
CA SER A 113 0.86 -11.59 10.65
C SER A 113 -0.22 -11.02 9.74
N GLY A 114 0.04 -10.98 8.42
CA GLY A 114 -0.96 -10.59 7.45
C GLY A 114 -1.12 -9.08 7.32
N THR A 115 -2.26 -8.67 6.75
CA THR A 115 -2.57 -7.31 6.36
C THR A 115 -3.89 -6.85 6.98
N LEU A 116 -4.21 -5.56 6.84
CA LEU A 116 -5.52 -5.13 7.28
C LEU A 116 -6.59 -5.87 6.50
N LYS A 117 -6.32 -6.16 5.23
CA LYS A 117 -7.28 -6.92 4.44
C LYS A 117 -7.56 -8.31 5.06
N THR A 118 -6.49 -9.05 5.42
CA THR A 118 -6.64 -10.37 6.02
C THR A 118 -7.29 -10.26 7.39
N TYR A 119 -6.96 -9.22 8.15
CA TYR A 119 -7.57 -9.02 9.47
C TYR A 119 -9.09 -8.88 9.36
N LEU A 120 -9.56 -8.08 8.41
CA LEU A 120 -10.98 -7.83 8.23
C LEU A 120 -11.69 -9.09 7.76
N LYS A 121 -11.04 -9.84 6.87
CA LYS A 121 -11.54 -11.12 6.36
C LYS A 121 -11.81 -12.06 7.53
N ARG A 122 -10.76 -12.19 8.37
CA ARG A 122 -10.60 -13.20 9.38
C ARG A 122 -11.51 -12.90 10.57
N PHE A 123 -11.46 -11.64 11.04
CA PHE A 123 -12.19 -11.21 12.21
C PHE A 123 -13.20 -10.13 11.87
N LYS A 124 -13.97 -10.32 10.80
CA LYS A 124 -15.16 -9.58 10.39
C LYS A 124 -15.29 -8.12 10.87
N VAL A 125 -14.81 -7.76 12.08
CA VAL A 125 -14.99 -6.42 12.65
C VAL A 125 -13.70 -5.93 13.29
N MET A 126 -13.55 -4.59 13.35
CA MET A 126 -12.44 -3.94 14.03
C MET A 126 -13.02 -3.06 15.12
N LYS A 127 -12.53 -3.24 16.36
CA LYS A 127 -12.98 -2.43 17.47
C LYS A 127 -12.37 -1.03 17.34
N ILE A 128 -13.13 0.00 17.75
CA ILE A 128 -12.86 1.41 17.55
C ILE A 128 -11.53 1.83 18.16
N LYS A 129 -11.14 1.28 19.31
CA LYS A 129 -9.87 1.67 19.87
C LYS A 129 -8.68 1.17 19.02
N VAL A 130 -8.81 -0.01 18.41
CA VAL A 130 -7.85 -0.52 17.43
C VAL A 130 -7.87 0.35 16.16
N LEU A 131 -9.07 0.66 15.62
CA LEU A 131 -9.19 1.50 14.45
C LEU A 131 -8.46 2.81 14.67
N ARG A 132 -8.73 3.49 15.80
CA ARG A 132 -8.08 4.76 16.10
C ARG A 132 -6.56 4.62 16.10
N SER A 133 -6.04 3.65 16.84
CA SER A 133 -4.60 3.48 16.95
C SER A 133 -3.94 3.17 15.62
N TRP A 134 -4.48 2.19 14.87
CA TRP A 134 -3.96 1.79 13.57
C TRP A 134 -4.04 2.92 12.53
N CYS A 135 -5.15 3.65 12.49
CA CYS A 135 -5.23 4.82 11.62
C CYS A 135 -4.24 5.93 11.97
N ARG A 136 -4.03 6.17 13.27
CA ARG A 136 -3.04 7.15 13.67
C ARG A 136 -1.67 6.68 13.16
N GLN A 137 -1.40 5.36 13.17
CA GLN A 137 -0.11 4.84 12.77
C GLN A 137 0.08 4.97 11.26
N ILE A 138 -0.99 4.74 10.49
CA ILE A 138 -0.97 5.00 9.06
C ILE A 138 -0.65 6.47 8.79
N LEU A 139 -1.28 7.38 9.51
CA LEU A 139 -1.05 8.80 9.32
C LEU A 139 0.40 9.17 9.68
N LYS A 140 0.94 8.59 10.76
CA LYS A 140 2.30 8.88 11.15
C LYS A 140 3.26 8.41 10.07
N GLY A 141 2.99 7.23 9.52
CA GLY A 141 3.79 6.72 8.42
C GLY A 141 3.78 7.66 7.22
N LEU A 142 2.59 8.12 6.83
CA LEU A 142 2.44 9.02 5.70
C LEU A 142 3.09 10.38 5.97
N GLN A 143 2.84 10.93 7.17
CA GLN A 143 3.52 12.16 7.55
C GLN A 143 5.03 12.02 7.34
N PHE A 144 5.58 10.92 7.85
CA PHE A 144 7.00 10.65 7.70
C PHE A 144 7.41 10.70 6.23
N LEU A 145 6.75 9.94 5.34
CA LEU A 145 7.10 9.91 3.93
C LEU A 145 6.99 11.29 3.27
N HIS A 146 5.90 12.00 3.55
CA HIS A 146 5.61 13.25 2.88
C HIS A 146 6.57 14.34 3.32
N THR A 147 7.21 14.12 4.48
CA THR A 147 8.13 15.11 5.02
C THR A 147 9.59 14.75 4.74
N ARG A 148 9.87 13.67 4.03
CA ARG A 148 11.22 13.39 3.55
C ARG A 148 11.58 14.45 2.51
N THR A 149 12.88 14.68 2.31
CA THR A 149 13.28 15.68 1.33
C THR A 149 14.10 14.97 0.28
N PRO A 150 13.60 14.78 -0.96
CA PRO A 150 12.26 15.22 -1.35
C PRO A 150 11.15 14.32 -0.79
N PRO A 151 9.87 14.78 -0.85
CA PRO A 151 8.75 14.01 -0.34
C PRO A 151 8.63 12.70 -1.09
N ILE A 152 8.21 11.69 -0.34
CA ILE A 152 7.84 10.40 -0.90
C ILE A 152 6.32 10.35 -0.87
N ILE A 153 5.67 10.18 -2.06
CA ILE A 153 4.24 9.90 -2.18
C ILE A 153 4.05 8.41 -2.43
N HIS A 154 3.29 7.73 -1.57
CA HIS A 154 3.04 6.29 -1.71
C HIS A 154 2.39 5.95 -3.05
N ARG A 155 1.24 6.59 -3.34
CA ARG A 155 0.39 6.51 -4.53
C ARG A 155 -0.37 5.19 -4.68
N ASP A 156 -0.16 4.21 -3.81
CA ASP A 156 -0.87 2.94 -3.97
C ASP A 156 -1.23 2.35 -2.61
N LEU A 157 -1.59 3.18 -1.63
CA LEU A 157 -1.99 2.69 -0.33
C LEU A 157 -3.34 1.98 -0.43
N LYS A 158 -3.44 0.81 0.20
CA LYS A 158 -4.67 0.04 0.26
C LYS A 158 -4.61 -0.91 1.44
N CYS A 159 -5.75 -1.52 1.79
CA CYS A 159 -5.72 -2.35 2.99
C CYS A 159 -4.78 -3.53 2.84
N ASP A 160 -4.53 -3.93 1.59
CA ASP A 160 -3.71 -5.12 1.40
C ASP A 160 -2.24 -4.77 1.38
N ASN A 161 -1.87 -3.50 1.62
CA ASN A 161 -0.46 -3.16 1.72
C ASN A 161 -0.15 -2.39 3.01
N ILE A 162 -1.06 -2.57 3.97
CA ILE A 162 -0.81 -2.19 5.33
C ILE A 162 -0.70 -3.48 6.13
N PHE A 163 0.52 -3.75 6.62
CA PHE A 163 0.90 -4.99 7.30
C PHE A 163 0.83 -4.84 8.80
N ILE A 164 0.49 -5.93 9.49
CA ILE A 164 0.46 -5.88 10.95
C ILE A 164 1.62 -6.70 11.50
N THR A 165 2.23 -6.19 12.58
CA THR A 165 3.41 -6.82 13.18
C THR A 165 2.96 -7.99 14.07
N GLY A 166 1.66 -8.01 14.38
CA GLY A 166 1.03 -9.05 15.17
C GLY A 166 -0.45 -8.72 15.30
N PRO A 167 -1.33 -9.68 15.69
CA PRO A 167 -2.76 -9.38 15.87
C PRO A 167 -3.05 -8.22 16.83
N THR A 168 -2.10 -8.02 17.76
CA THR A 168 -2.07 -7.06 18.85
C THR A 168 -0.94 -6.04 18.64
N GLY A 169 -0.33 -6.02 17.44
CA GLY A 169 0.88 -5.25 17.22
C GLY A 169 0.53 -3.92 16.56
N SER A 170 1.51 -3.39 15.83
CA SER A 170 1.42 -2.10 15.17
C SER A 170 1.23 -2.35 13.68
N VAL A 171 0.89 -1.29 12.94
CA VAL A 171 0.79 -1.42 11.49
C VAL A 171 2.02 -0.77 10.86
N LYS A 172 2.44 -1.34 9.73
CA LYS A 172 3.49 -0.77 8.93
C LYS A 172 2.99 -0.72 7.50
N ILE A 173 3.24 0.44 6.85
CA ILE A 173 2.94 0.61 5.43
C ILE A 173 4.04 -0.10 4.63
N GLY A 174 3.62 -0.87 3.63
CA GLY A 174 4.54 -1.60 2.77
C GLY A 174 4.33 -1.30 1.29
N ASP A 175 5.07 -2.00 0.41
CA ASP A 175 5.01 -1.90 -1.05
C ASP A 175 5.36 -0.50 -1.53
N LEU A 176 6.22 0.19 -0.76
CA LEU A 176 6.99 1.28 -1.29
C LEU A 176 7.85 0.72 -2.42
N GLY A 177 8.17 1.55 -3.41
CA GLY A 177 8.89 1.01 -4.54
C GLY A 177 7.91 0.42 -5.54
N LEU A 178 7.11 -0.58 -5.10
CA LEU A 178 6.22 -1.24 -6.02
C LEU A 178 5.22 -0.25 -6.62
N ALA A 179 4.89 0.81 -5.87
CA ALA A 179 3.88 1.71 -6.37
C ALA A 179 4.28 2.35 -7.71
N THR A 180 5.60 2.45 -8.00
CA THR A 180 6.17 3.01 -9.23
C THR A 180 5.87 2.15 -10.46
N LEU A 181 5.62 0.87 -10.18
CA LEU A 181 5.44 -0.18 -11.17
C LEU A 181 3.99 -0.62 -11.21
N LYS A 182 3.09 0.27 -10.79
CA LYS A 182 1.67 -0.07 -10.79
C LYS A 182 0.91 1.17 -11.27
N ARG A 183 0.43 1.04 -12.49
CA ARG A 183 0.65 2.12 -13.44
C ARG A 183 -0.68 2.80 -13.73
N ALA A 184 -0.88 3.94 -13.07
CA ALA A 184 -2.18 4.57 -12.98
C ALA A 184 -2.74 4.89 -14.37
N SER A 185 -1.87 5.37 -15.27
CA SER A 185 -2.33 5.90 -16.56
C SER A 185 -2.31 4.84 -17.66
N PHE A 186 -2.03 3.58 -17.31
CA PHE A 186 -1.98 2.49 -18.27
C PHE A 186 -3.37 1.91 -18.54
N ALA A 187 -3.61 1.45 -19.77
CA ALA A 187 -4.75 0.59 -20.03
C ALA A 187 -4.52 -0.73 -19.29
N LYS A 188 -5.60 -1.27 -18.73
CA LYS A 188 -5.57 -2.51 -17.97
C LYS A 188 -6.80 -3.39 -18.25
N ALA A 189 -6.64 -4.70 -18.02
CA ALA A 189 -7.69 -5.68 -18.20
C ALA A 189 -8.78 -5.53 -17.14
N VAL A 190 -10.04 -5.78 -17.53
CA VAL A 190 -11.16 -5.93 -16.61
C VAL A 190 -11.15 -7.37 -16.08
N ILE A 191 -10.45 -7.62 -14.97
CA ILE A 191 -10.32 -8.95 -14.40
C ILE A 191 -10.18 -8.82 -12.88
N GLY A 192 -10.81 -9.73 -12.14
CA GLY A 192 -10.79 -9.72 -10.67
C GLY A 192 -11.69 -8.60 -10.13
N THR A 193 -11.36 -8.09 -8.93
CA THR A 193 -12.11 -7.04 -8.27
C THR A 193 -11.75 -5.67 -8.86
N PRO A 194 -12.73 -4.90 -9.39
CA PRO A 194 -12.47 -3.58 -9.99
C PRO A 194 -11.96 -2.60 -8.93
N GLU A 195 -10.96 -1.78 -9.31
CA GLU A 195 -10.33 -0.88 -8.36
C GLU A 195 -10.67 0.58 -8.68
N PHE A 196 -10.60 1.39 -7.62
CA PHE A 196 -10.69 2.83 -7.64
C PHE A 196 -9.29 3.39 -7.39
N MET A 197 -9.12 4.68 -7.69
CA MET A 197 -8.04 5.49 -7.13
C MET A 197 -8.54 6.95 -7.11
N ALA A 198 -7.69 7.84 -6.59
CA ALA A 198 -8.04 9.25 -6.51
C ALA A 198 -8.30 9.77 -7.92
N PRO A 199 -9.30 10.68 -8.11
CA PRO A 199 -9.64 11.20 -9.44
C PRO A 199 -8.43 11.62 -10.26
N GLU A 200 -7.52 12.40 -9.66
CA GLU A 200 -6.42 13.03 -10.37
C GLU A 200 -5.37 11.99 -10.78
N MET A 201 -5.38 10.85 -10.10
CA MET A 201 -4.42 9.78 -10.26
C MET A 201 -4.53 9.15 -11.64
N TYR A 202 -5.77 9.06 -12.17
CA TYR A 202 -6.04 8.53 -13.50
C TYR A 202 -5.20 9.28 -14.56
N GLU A 203 -4.96 10.58 -14.33
CA GLU A 203 -4.22 11.43 -15.27
C GLU A 203 -2.76 11.63 -14.82
N GLU A 204 -2.34 10.93 -13.74
CA GLU A 204 -0.99 11.07 -13.20
C GLU A 204 -0.70 12.54 -12.80
N LYS A 205 -1.74 13.27 -12.37
CA LYS A 205 -1.53 14.64 -11.91
C LYS A 205 -1.78 14.74 -10.41
N TYR A 206 -0.82 14.21 -9.63
CA TYR A 206 -0.96 13.88 -8.21
C TYR A 206 0.00 14.69 -7.35
N ASP A 207 -0.35 14.79 -6.05
CA ASP A 207 0.54 15.16 -4.96
C ASP A 207 0.24 14.30 -3.73
N GLU A 208 0.74 14.71 -2.56
CA GLU A 208 0.51 14.02 -1.30
C GLU A 208 -0.98 13.73 -1.07
N SER A 209 -1.88 14.57 -1.59
CA SER A 209 -3.28 14.45 -1.22
C SER A 209 -3.84 13.16 -1.81
N VAL A 210 -3.12 12.53 -2.74
CA VAL A 210 -3.60 11.25 -3.24
C VAL A 210 -3.59 10.19 -2.14
N ASP A 211 -2.61 10.32 -1.21
CA ASP A 211 -2.44 9.41 -0.09
C ASP A 211 -3.54 9.65 0.93
N VAL A 212 -4.00 10.90 1.04
CA VAL A 212 -5.07 11.27 1.96
C VAL A 212 -6.36 10.64 1.47
N TYR A 213 -6.61 10.75 0.16
CA TYR A 213 -7.76 10.08 -0.43
C TYR A 213 -7.73 8.58 -0.16
N ALA A 214 -6.58 7.94 -0.46
CA ALA A 214 -6.37 6.51 -0.22
C ALA A 214 -6.52 6.15 1.26
N PHE A 215 -5.99 6.98 2.16
CA PHE A 215 -6.21 6.79 3.58
C PHE A 215 -7.70 6.78 3.93
N GLY A 216 -8.46 7.73 3.38
CA GLY A 216 -9.90 7.81 3.63
C GLY A 216 -10.61 6.51 3.25
N MET A 217 -10.23 5.99 2.08
CA MET A 217 -10.76 4.75 1.55
C MET A 217 -10.42 3.59 2.47
N CYS A 218 -9.19 3.59 3.01
CA CYS A 218 -8.76 2.56 3.93
C CYS A 218 -9.59 2.61 5.21
N MET A 219 -9.81 3.82 5.70
CA MET A 219 -10.53 3.98 6.95
C MET A 219 -11.96 3.47 6.78
N LEU A 220 -12.56 3.81 5.62
CA LEU A 220 -13.90 3.38 5.26
C LEU A 220 -13.98 1.86 5.30
N GLU A 221 -12.97 1.21 4.72
CA GLU A 221 -12.95 -0.23 4.66
C GLU A 221 -12.83 -0.79 6.07
N MET A 222 -11.96 -0.20 6.89
CA MET A 222 -11.74 -0.74 8.22
C MET A 222 -12.98 -0.57 9.08
N ALA A 223 -13.80 0.45 8.77
CA ALA A 223 -14.99 0.82 9.53
C ALA A 223 -16.21 0.01 9.11
N THR A 224 -16.17 -0.57 7.90
CA THR A 224 -17.34 -1.19 7.28
C THR A 224 -17.11 -2.67 6.97
N SER A 225 -15.85 -3.12 7.00
CA SER A 225 -15.47 -4.48 6.68
C SER A 225 -15.94 -4.86 5.29
N GLU A 226 -15.90 -3.93 4.31
CA GLU A 226 -16.09 -4.24 2.89
C GLU A 226 -15.30 -3.28 1.98
N TYR A 227 -14.98 -3.74 0.77
CA TYR A 227 -14.24 -2.92 -0.18
C TYR A 227 -15.18 -1.88 -0.79
N PRO A 228 -14.85 -0.57 -0.79
CA PRO A 228 -15.71 0.45 -1.41
C PRO A 228 -16.03 0.19 -2.86
N TYR A 229 -17.25 0.53 -3.27
CA TYR A 229 -17.73 0.48 -4.64
C TYR A 229 -18.04 -0.95 -5.08
N SER A 230 -18.32 -1.87 -4.15
CA SER A 230 -18.60 -3.26 -4.49
C SER A 230 -19.89 -3.37 -5.32
N GLU A 231 -20.70 -2.31 -5.31
CA GLU A 231 -21.93 -2.23 -6.09
C GLU A 231 -21.63 -1.97 -7.56
N CYS A 232 -20.37 -1.69 -7.91
CA CYS A 232 -19.97 -1.55 -9.30
C CYS A 232 -19.42 -2.88 -9.83
N GLN A 233 -19.67 -3.16 -11.12
CA GLN A 233 -19.28 -4.43 -11.73
C GLN A 233 -17.91 -4.35 -12.41
N ASN A 234 -17.48 -3.13 -12.80
CA ASN A 234 -16.20 -2.94 -13.49
C ASN A 234 -15.60 -1.56 -13.15
N ALA A 235 -14.34 -1.37 -13.56
CA ALA A 235 -13.55 -0.19 -13.23
C ALA A 235 -14.00 1.05 -13.99
N ALA A 236 -14.74 0.88 -15.09
CA ALA A 236 -15.28 2.02 -15.84
C ALA A 236 -16.41 2.68 -15.06
N GLN A 237 -17.28 1.85 -14.47
CA GLN A 237 -18.35 2.36 -13.64
C GLN A 237 -17.73 3.10 -12.48
N ILE A 238 -16.69 2.52 -11.86
CA ILE A 238 -15.99 3.15 -10.74
C ILE A 238 -15.41 4.49 -11.21
N TYR A 239 -14.71 4.52 -12.33
CA TYR A 239 -14.13 5.75 -12.84
C TYR A 239 -15.18 6.83 -13.02
N ARG A 240 -16.34 6.49 -13.60
CA ARG A 240 -17.40 7.46 -13.87
C ARG A 240 -17.95 8.03 -12.57
N ARG A 241 -18.12 7.18 -11.54
CA ARG A 241 -18.60 7.61 -10.24
C ARG A 241 -17.56 8.47 -9.52
N VAL A 242 -16.30 8.04 -9.48
CA VAL A 242 -15.23 8.75 -8.79
C VAL A 242 -15.02 10.14 -9.37
N THR A 243 -14.98 10.24 -10.70
CA THR A 243 -14.68 11.51 -11.34
C THR A 243 -15.93 12.37 -11.50
N SER A 244 -17.06 11.90 -10.95
CA SER A 244 -18.27 12.69 -10.97
C SER A 244 -18.79 12.92 -9.55
N GLY A 245 -17.98 12.58 -8.55
CA GLY A 245 -18.26 12.85 -7.15
C GLY A 245 -19.32 11.93 -6.55
N VAL A 246 -19.58 10.78 -7.17
CA VAL A 246 -20.49 9.82 -6.57
C VAL A 246 -19.73 8.91 -5.60
N LYS A 247 -20.11 8.99 -4.33
CA LYS A 247 -19.55 8.23 -3.23
C LYS A 247 -19.88 6.74 -3.33
N PRO A 248 -19.04 5.87 -2.73
CA PRO A 248 -19.35 4.45 -2.65
C PRO A 248 -20.54 4.31 -1.70
N ALA A 249 -21.35 3.28 -1.93
CA ALA A 249 -22.55 3.07 -1.13
C ALA A 249 -22.20 2.78 0.32
N SER A 250 -21.01 2.20 0.54
CA SER A 250 -20.63 1.78 1.88
C SER A 250 -20.39 2.98 2.80
N PHE A 251 -20.21 4.17 2.21
CA PHE A 251 -20.00 5.39 2.97
C PHE A 251 -21.16 5.58 3.94
N ASP A 252 -22.38 5.35 3.44
CA ASP A 252 -23.63 5.55 4.16
C ASP A 252 -23.80 4.53 5.30
N LYS A 253 -22.90 3.55 5.41
CA LYS A 253 -23.01 2.49 6.38
C LYS A 253 -22.11 2.71 7.60
N VAL A 254 -21.28 3.78 7.59
CA VAL A 254 -20.37 4.10 8.68
C VAL A 254 -21.20 4.51 9.89
N ALA A 255 -21.04 3.70 10.95
CA ALA A 255 -21.78 3.72 12.20
C ALA A 255 -21.44 4.95 13.05
N ILE A 256 -20.16 5.30 13.19
CA ILE A 256 -19.72 6.34 14.09
C ILE A 256 -19.61 7.66 13.32
N PRO A 257 -20.38 8.72 13.65
CA PRO A 257 -20.33 9.96 12.88
C PRO A 257 -18.96 10.65 12.79
N GLU A 258 -18.14 10.55 13.85
CA GLU A 258 -16.83 11.17 13.84
C GLU A 258 -15.95 10.50 12.77
N VAL A 259 -16.01 9.15 12.70
CA VAL A 259 -15.28 8.35 11.73
C VAL A 259 -15.77 8.73 10.33
N LYS A 260 -17.09 8.80 10.13
CA LYS A 260 -17.67 9.16 8.84
C LYS A 260 -17.22 10.56 8.41
N GLU A 261 -17.13 11.49 9.36
CA GLU A 261 -16.76 12.86 9.06
C GLU A 261 -15.35 12.91 8.52
N ILE A 262 -14.40 12.21 9.18
CA ILE A 262 -13.00 12.16 8.77
C ILE A 262 -12.91 11.59 7.36
N ILE A 263 -13.58 10.45 7.11
CA ILE A 263 -13.60 9.83 5.81
C ILE A 263 -14.04 10.85 4.76
N GLU A 264 -15.13 11.56 5.06
CA GLU A 264 -15.72 12.48 4.10
C GLU A 264 -14.71 13.59 3.79
N GLY A 265 -13.94 14.03 4.75
CA GLY A 265 -13.00 15.10 4.49
C GLY A 265 -11.73 14.64 3.78
N CYS A 266 -11.50 13.32 3.77
CA CYS A 266 -10.36 12.75 3.10
C CYS A 266 -10.67 12.44 1.65
N ILE A 267 -11.91 12.04 1.35
CA ILE A 267 -12.21 11.48 0.03
C ILE A 267 -12.96 12.49 -0.82
N ARG A 268 -12.72 13.77 -0.60
CA ARG A 268 -13.25 14.82 -1.46
C ARG A 268 -12.74 14.63 -2.88
N GLN A 269 -13.60 14.86 -3.87
CA GLN A 269 -13.26 14.71 -5.26
C GLN A 269 -12.15 15.69 -5.61
N ASN A 270 -12.27 16.92 -5.12
CA ASN A 270 -11.29 17.95 -5.41
C ASN A 270 -10.15 17.87 -4.40
N LYS A 271 -8.92 17.64 -4.88
CA LYS A 271 -7.78 17.35 -4.00
C LYS A 271 -7.50 18.50 -3.04
N ASP A 272 -7.84 19.72 -3.46
CA ASP A 272 -7.48 20.93 -2.74
C ASP A 272 -8.38 21.12 -1.51
N GLU A 273 -9.46 20.33 -1.43
CA GLU A 273 -10.42 20.45 -0.34
C GLU A 273 -10.21 19.34 0.69
N ARG A 274 -9.27 18.42 0.46
CA ARG A 274 -9.09 17.32 1.38
C ARG A 274 -8.32 17.78 2.61
N TYR A 275 -8.56 17.08 3.72
CA TYR A 275 -7.77 17.20 4.92
C TYR A 275 -6.29 17.07 4.55
N SER A 276 -5.45 17.80 5.26
CA SER A 276 -4.03 17.54 5.30
C SER A 276 -3.76 16.52 6.42
N ILE A 277 -2.63 15.83 6.33
CA ILE A 277 -2.28 14.85 7.34
C ILE A 277 -2.18 15.56 8.69
N LYS A 278 -1.64 16.80 8.70
CA LYS A 278 -1.46 17.55 9.93
C LYS A 278 -2.81 17.75 10.59
N ASP A 279 -3.80 18.13 9.79
CA ASP A 279 -5.13 18.42 10.33
C ASP A 279 -5.79 17.17 10.88
N LEU A 280 -5.60 16.03 10.21
CA LEU A 280 -6.12 14.77 10.70
C LEU A 280 -5.46 14.38 12.01
N LEU A 281 -4.12 14.47 12.10
CA LEU A 281 -3.45 14.11 13.34
C LEU A 281 -3.92 15.01 14.47
N ASN A 282 -4.39 16.22 14.14
CA ASN A 282 -4.79 17.23 15.13
C ASN A 282 -6.28 17.13 15.48
N HIS A 283 -7.02 16.37 14.70
CA HIS A 283 -8.41 16.11 14.91
C HIS A 283 -8.61 15.45 16.28
N ALA A 284 -9.76 15.76 16.87
CA ALA A 284 -10.14 15.30 18.20
C ALA A 284 -10.05 13.80 18.26
N PHE A 285 -10.51 13.15 17.19
CA PHE A 285 -10.59 11.71 17.14
C PHE A 285 -9.22 11.08 17.42
N PHE A 286 -8.14 11.70 16.94
CA PHE A 286 -6.81 11.10 16.98
C PHE A 286 -6.02 11.48 18.23
N GLN A 287 -6.65 12.15 19.19
CA GLN A 287 -6.16 11.87 20.53
C GLN A 287 -7.19 11.11 21.36
N GLU A 288 -6.71 10.02 21.99
CA GLU A 288 -7.43 9.13 22.89
C GLU A 288 -8.58 9.87 23.58
N1 WIB B . 2.03 -7.74 -0.50
C4 WIB B . 3.84 -9.12 0.70
C5 WIB B . 5.46 -7.26 1.29
C6 WIB B . 6.20 -6.14 0.57
C7 WIB B . 6.76 -5.12 1.54
C8 WIB B . 6.53 -5.55 2.98
C10 WIB B . 6.39 -7.98 2.27
C13 WIB B . -0.65 -11.98 0.66
O1 WIB B . 1.16 -13.34 1.97
S1 WIB B . 0.59 -12.02 1.96
C1 WIB B . 1.85 -10.89 1.47
C2 WIB B . 1.51 -9.78 0.72
C3 WIB B . 2.48 -8.89 0.31
O2 WIB B . 0.85 -7.70 -0.86
O3 WIB B . 2.84 -6.89 -0.82
N2 WIB B . 4.87 -8.21 0.35
C9 WIB B . 7.05 -6.97 3.22
C11 WIB B . 4.14 -10.23 1.50
C12 WIB B . 3.15 -11.12 1.87
CL1 WIB B . -1.20 -13.66 0.29
BR1 WIB B . -2.18 -10.90 1.25
CL2 WIB B . 0.07 -11.31 -0.83
O4 WIB B . -0.01 -11.52 3.16
C1 EDO C . -13.48 -7.28 4.94
O1 EDO C . -14.26 -8.44 5.24
C2 EDO C . -12.93 -7.08 3.53
O2 EDO C . -12.61 -5.73 3.18
C1 EDO D . 7.51 10.32 -5.12
O1 EDO D . 6.43 11.09 -5.62
C2 EDO D . 7.70 9.08 -5.97
O2 EDO D . 9.05 8.70 -6.28
#